data_4NOX
#
_entry.id   4NOX
#
_cell.length_a   108.380
_cell.length_b   108.380
_cell.length_c   172.180
_cell.angle_alpha   90.000
_cell.angle_beta   90.000
_cell.angle_gamma   90.000
#
_symmetry.space_group_name_H-M   'P 43 21 2'
#
loop_
_entity.id
_entity.type
_entity.pdbx_description
1 polymer 'Eukaryotic translation initiation factor 3 subunit B'
2 non-polymer 'CHLORIDE ION'
3 water water
#
_entity_poly.entity_id   1
_entity_poly.type   'polypeptide(L)'
_entity_poly.pdbx_seq_one_letter_code
;MAPSFDHLREEDLDEEDIDMDEVDISDLREKYEVQLEQGYDTFVVIDGLPAVSEEQKPKLIKFLLKKLNTVGKTREDMIY
MPMGDDGMSLRFAFVEYSSPAEASAAVRQLDYVPLDKKHTLRVNKLTDIDRYGREGRISEEFVPPKIEPFQEKEHLRWFM
ADPADRGRDQFVMYRGDTVGVFWNNEKDQPENIVDRQHWTETFVQWSPLGTYLTSVHAQGVQLWGGASWSRLRRFPHPFV
NLVAFSPGEKYLVTWSNRPIQIPDSGHPVLTLDDDGKNYIIWDIETARPLRSFAQQDIHPEEHGPKKGPPKFPWPVFKWS
ADDKYVARLNQGTSISIYELPKMNLLDKQAVKIEGVMDFEWAPATVQREGVKTYEQLFCFWTPEIGNNPARVGLMSIPSK
QIVRTLNLFSVSDVKMHWQSEGTYLCVKVDRHSKSKKSQATTLEIFRVKEKGVPVEVVDTIKDTVINFAWEPKGDRFVII
TTPEPVGATAVPPKTSVSFFCPELKKGNQVGSFKHLRTLEKKNHNAIYWSPKGRFVVIATVHNTQSSDLEFWDLDFDGEK
PENEKDLAACLQLMGTGDHYGITDVEWDPSGRYVATWASAWKHTMENGYHLYDFKGELLREEHIEKFKQWQWRPRPPTLL
TKEEQKQIRKNLREYSRIFEQEDAERISSADVAVVEARRRLLNEWYAWREAIEKEVAEERAALGLPADPAAELLKRKIAE
VAPDAQEQVIEEIMEEVLEETEEIVN
;
_entity_poly.pdbx_strand_id   A
#
loop_
_chem_comp.id
_chem_comp.type
_chem_comp.name
_chem_comp.formula
CL non-polymer 'CHLORIDE ION' 'Cl -1'
#
# COMPACT_ATOMS: atom_id res chain seq x y z
N ARG A 166 21.06 16.99 14.22
CA ARG A 166 21.06 15.56 14.52
C ARG A 166 20.50 14.72 13.37
N GLY A 167 19.60 15.32 12.59
CA GLY A 167 18.96 14.60 11.49
C GLY A 167 18.06 13.49 12.01
N ARG A 168 17.34 13.78 13.08
CA ARG A 168 16.43 12.82 13.68
C ARG A 168 15.09 12.84 12.97
N ASP A 169 14.26 11.83 13.21
CA ASP A 169 12.92 11.81 12.67
C ASP A 169 11.88 11.74 13.77
N GLN A 170 10.76 12.42 13.55
CA GLN A 170 9.66 12.37 14.50
C GLN A 170 8.82 11.13 14.24
N PHE A 171 8.05 10.74 15.24
CA PHE A 171 7.10 9.64 15.12
C PHE A 171 6.00 9.84 16.15
N VAL A 172 4.88 9.16 15.95
CA VAL A 172 3.78 9.25 16.91
C VAL A 172 3.55 7.91 17.57
N MET A 173 3.20 7.94 18.85
CA MET A 173 2.69 6.76 19.53
C MET A 173 1.39 7.11 20.23
N TYR A 174 0.43 6.20 20.15
CA TYR A 174 -0.88 6.40 20.73
C TYR A 174 -1.12 5.28 21.73
N ARG A 175 -1.10 5.62 23.01
CA ARG A 175 -1.31 4.63 24.05
C ARG A 175 -2.44 5.12 24.93
N GLY A 176 -3.35 4.23 25.28
CA GLY A 176 -4.47 4.62 26.11
C GLY A 176 -5.26 5.72 25.43
N ASP A 177 -5.44 6.83 26.14
CA ASP A 177 -6.16 7.97 25.61
C ASP A 177 -5.21 9.13 25.32
N THR A 178 -3.92 8.81 25.26
CA THR A 178 -2.90 9.83 25.02
C THR A 178 -2.05 9.55 23.78
N VAL A 179 -1.85 10.57 22.96
CA VAL A 179 -1.02 10.47 21.76
C VAL A 179 0.06 11.54 21.80
N GLY A 180 1.27 11.19 21.36
CA GLY A 180 2.39 12.11 21.43
C GLY A 180 3.35 12.04 20.26
N VAL A 181 3.92 13.18 19.91
CA VAL A 181 4.95 13.23 18.87
C VAL A 181 6.33 13.23 19.53
N PHE A 182 7.18 12.30 19.10
CA PHE A 182 8.48 12.13 19.75
C PHE A 182 9.65 12.22 18.76
N TRP A 183 10.79 12.72 19.23
CA TRP A 183 12.03 12.64 18.47
C TRP A 183 12.62 11.25 18.64
N ASN A 184 13.36 10.79 17.63
CA ASN A 184 14.01 9.49 17.69
C ASN A 184 15.44 9.61 18.21
N ASN A 185 15.74 8.89 19.29
CA ASN A 185 17.07 8.92 19.88
C ASN A 185 17.73 7.55 19.93
N GLU A 186 17.38 6.69 18.98
CA GLU A 186 17.88 5.33 18.93
C GLU A 186 17.66 4.58 20.25
N LYS A 187 18.74 4.17 20.90
CA LYS A 187 18.66 3.48 22.17
C LYS A 187 18.22 4.39 23.30
N ASP A 188 18.59 5.66 23.22
CA ASP A 188 18.21 6.63 24.24
C ASP A 188 16.71 6.93 24.19
N GLN A 189 16.17 7.39 25.32
CA GLN A 189 14.73 7.66 25.41
C GLN A 189 14.28 8.69 24.37
N PRO A 190 13.15 8.41 23.70
CA PRO A 190 12.59 9.35 22.73
C PRO A 190 12.23 10.69 23.38
N GLU A 191 12.84 11.77 22.89
CA GLU A 191 12.52 13.12 23.35
C GLU A 191 11.09 13.47 22.95
N ASN A 192 10.31 14.02 23.87
CA ASN A 192 8.91 14.27 23.56
C ASN A 192 8.66 15.71 23.15
N ILE A 193 8.28 15.92 21.90
CA ILE A 193 7.80 17.22 21.47
C ILE A 193 6.47 17.59 22.12
N VAL A 194 5.55 16.63 22.18
CA VAL A 194 4.24 16.87 22.79
C VAL A 194 3.58 15.58 23.24
N ASP A 195 2.68 15.69 24.21
CA ASP A 195 1.81 14.61 24.60
C ASP A 195 0.48 15.22 24.97
N ARG A 196 -0.62 14.55 24.64
CA ARG A 196 -1.93 15.07 24.96
C ARG A 196 -2.92 13.96 25.27
N GLN A 197 -3.90 14.26 26.10
CA GLN A 197 -4.96 13.29 26.37
C GLN A 197 -6.17 13.61 25.51
N HIS A 198 -6.79 12.57 24.97
CA HIS A 198 -7.94 12.71 24.09
C HIS A 198 -7.69 13.69 22.93
N TRP A 199 -6.56 13.51 22.26
CA TRP A 199 -6.22 14.26 21.06
C TRP A 199 -7.11 13.73 19.94
N THR A 200 -7.34 12.43 19.97
CA THR A 200 -8.23 11.77 19.02
C THR A 200 -9.18 10.83 19.76
N GLU A 201 -10.28 10.43 19.10
CA GLU A 201 -11.25 9.54 19.72
C GLU A 201 -10.98 8.06 19.42
N THR A 202 -10.61 7.76 18.18
CA THR A 202 -10.44 6.37 17.77
C THR A 202 -9.04 6.03 17.25
N PHE A 203 -8.51 6.84 16.34
CA PHE A 203 -7.16 6.59 15.82
C PHE A 203 -6.41 7.84 15.36
N VAL A 204 -5.15 7.64 14.99
CA VAL A 204 -4.27 8.72 14.55
C VAL A 204 -3.60 8.32 13.24
N GLN A 205 -3.54 9.25 12.29
CA GLN A 205 -3.00 8.96 10.97
C GLN A 205 -2.16 10.12 10.45
N TRP A 206 -0.97 9.81 9.91
CA TRP A 206 -0.10 10.84 9.36
C TRP A 206 -0.48 11.21 7.93
N SER A 207 -0.32 12.47 7.60
CA SER A 207 -0.46 12.94 6.23
C SER A 207 0.74 12.41 5.43
N PRO A 208 0.50 11.99 4.18
CA PRO A 208 1.51 11.29 3.38
C PRO A 208 2.81 12.07 3.17
N LEU A 209 2.75 13.40 3.19
CA LEU A 209 3.97 14.21 3.10
C LEU A 209 4.39 14.71 4.48
N GLY A 210 3.72 14.20 5.52
CA GLY A 210 4.08 14.52 6.89
C GLY A 210 3.67 15.89 7.38
N THR A 211 2.97 16.64 6.54
CA THR A 211 2.55 18.00 6.88
C THR A 211 1.53 18.02 8.01
N TYR A 212 0.56 17.12 7.96
CA TYR A 212 -0.52 17.12 8.95
C TYR A 212 -0.54 15.91 9.86
N LEU A 213 -0.97 16.11 11.10
CA LEU A 213 -1.37 15.01 11.96
C LEU A 213 -2.90 15.00 12.02
N THR A 214 -3.49 13.86 11.69
CA THR A 214 -4.95 13.77 11.59
C THR A 214 -5.57 13.13 12.83
N SER A 215 -6.48 13.85 13.47
CA SER A 215 -7.24 13.29 14.57
C SER A 215 -8.68 13.08 14.11
N VAL A 216 -9.32 12.05 14.64
CA VAL A 216 -10.68 11.72 14.24
C VAL A 216 -11.64 11.76 15.43
N HIS A 217 -12.82 12.34 15.21
CA HIS A 217 -13.84 12.45 16.24
C HIS A 217 -15.19 12.06 15.65
N ALA A 218 -16.21 11.98 16.50
CA ALA A 218 -17.55 11.71 15.99
C ALA A 218 -18.07 12.84 15.11
N GLN A 219 -17.86 14.07 15.55
CA GLN A 219 -18.28 15.24 14.80
C GLN A 219 -17.55 15.42 13.49
N GLY A 220 -16.25 15.21 13.51
CA GLY A 220 -15.39 15.57 12.40
C GLY A 220 -14.01 14.97 12.48
N VAL A 221 -13.21 15.23 11.46
CA VAL A 221 -11.78 14.92 11.49
C VAL A 221 -11.01 16.22 11.49
N GLN A 222 -9.93 16.27 12.27
CA GLN A 222 -9.16 17.50 12.45
C GLN A 222 -7.71 17.33 12.00
N LEU A 223 -7.14 18.40 11.45
CA LEU A 223 -5.77 18.39 10.99
C LEU A 223 -4.87 19.25 11.88
N TRP A 224 -3.98 18.61 12.61
CA TRP A 224 -3.05 19.30 13.49
C TRP A 224 -1.67 19.39 12.84
N GLY A 225 -0.97 20.49 13.10
CA GLY A 225 0.34 20.70 12.51
C GLY A 225 0.98 22.01 12.94
N GLY A 226 2.09 22.34 12.30
CA GLY A 226 2.85 23.52 12.68
C GLY A 226 3.70 23.25 13.90
N ALA A 227 4.57 24.19 14.23
CA ALA A 227 5.43 24.05 15.40
C ALA A 227 4.58 24.05 16.67
N SER A 228 3.51 24.85 16.66
CA SER A 228 2.61 24.96 17.79
C SER A 228 1.80 23.69 18.03
N TRP A 229 1.68 22.86 17.00
CA TRP A 229 0.78 21.70 17.00
C TRP A 229 -0.65 22.16 17.28
N SER A 230 -1.02 23.24 16.60
CA SER A 230 -2.35 23.82 16.70
C SER A 230 -3.26 23.26 15.63
N ARG A 231 -4.56 23.43 15.80
CA ARG A 231 -5.52 23.03 14.79
C ARG A 231 -5.31 23.84 13.51
N LEU A 232 -5.32 23.15 12.38
CA LEU A 232 -5.10 23.80 11.09
C LEU A 232 -6.33 23.71 10.20
N ARG A 233 -6.95 22.53 10.17
CA ARG A 233 -8.15 22.31 9.37
C ARG A 233 -9.15 21.42 10.10
N ARG A 234 -10.42 21.58 9.77
CA ARG A 234 -11.49 20.78 10.35
C ARG A 234 -12.46 20.32 9.27
N PHE A 235 -12.83 19.05 9.30
CA PHE A 235 -13.73 18.50 8.29
C PHE A 235 -14.90 17.78 8.94
N PRO A 236 -16.02 18.50 9.12
CA PRO A 236 -17.19 18.02 9.85
C PRO A 236 -17.92 16.88 9.15
N HIS A 237 -17.25 15.74 9.05
CA HIS A 237 -17.90 14.53 8.56
C HIS A 237 -18.22 13.64 9.76
N PRO A 238 -19.52 13.39 9.98
CA PRO A 238 -19.97 12.62 11.14
C PRO A 238 -19.56 11.15 11.12
N PHE A 239 -18.90 10.71 12.20
CA PHE A 239 -18.61 9.29 12.43
C PHE A 239 -17.74 8.65 11.35
N VAL A 240 -16.64 9.31 11.03
CA VAL A 240 -15.67 8.81 10.05
C VAL A 240 -14.95 7.58 10.60
N ASN A 241 -14.77 6.57 9.77
CA ASN A 241 -14.02 5.38 10.15
C ASN A 241 -12.70 5.30 9.39
N LEU A 242 -12.70 5.80 8.16
CA LEU A 242 -11.51 5.80 7.32
C LEU A 242 -11.23 7.16 6.71
N VAL A 243 -9.95 7.51 6.63
CA VAL A 243 -9.54 8.80 6.06
C VAL A 243 -8.32 8.61 5.16
N ALA A 244 -8.36 9.18 3.96
CA ALA A 244 -7.28 9.05 3.00
C ALA A 244 -6.91 10.40 2.40
N PHE A 245 -5.66 10.54 1.98
CA PHE A 245 -5.21 11.77 1.36
C PHE A 245 -4.88 11.56 -0.12
N SER A 246 -4.97 12.63 -0.90
CA SER A 246 -4.39 12.64 -2.23
C SER A 246 -2.88 12.71 -2.03
N PRO A 247 -2.11 12.07 -2.91
CA PRO A 247 -0.65 11.96 -2.79
C PRO A 247 0.06 13.29 -2.55
N GLY A 248 -0.49 14.38 -3.08
CA GLY A 248 0.12 15.69 -2.91
C GLY A 248 -0.50 16.52 -1.80
N GLU A 249 -1.32 15.88 -0.96
CA GLU A 249 -1.97 16.53 0.18
C GLU A 249 -2.94 17.67 -0.20
N LYS A 250 -3.32 17.75 -1.47
CA LYS A 250 -4.22 18.81 -1.90
C LYS A 250 -5.68 18.53 -1.55
N TYR A 251 -6.03 17.26 -1.50
CA TYR A 251 -7.41 16.86 -1.23
C TYR A 251 -7.53 15.82 -0.12
N LEU A 252 -8.74 15.68 0.43
CA LEU A 252 -8.99 14.75 1.53
C LEU A 252 -10.23 13.90 1.27
N VAL A 253 -10.16 12.64 1.63
CA VAL A 253 -11.32 11.74 1.48
C VAL A 253 -11.71 11.15 2.83
N THR A 254 -12.97 11.34 3.21
CA THR A 254 -13.46 10.81 4.48
C THR A 254 -14.60 9.83 4.21
N TRP A 255 -14.61 8.73 4.97
CA TRP A 255 -15.63 7.71 4.82
C TRP A 255 -16.26 7.33 6.15
N SER A 256 -17.57 7.08 6.13
CA SER A 256 -18.28 6.58 7.30
C SER A 256 -19.13 5.38 6.92
N ASN A 257 -19.00 4.29 7.67
CA ASN A 257 -19.83 3.11 7.45
C ASN A 257 -21.30 3.45 7.62
N ARG A 258 -21.60 4.28 8.61
CA ARG A 258 -22.96 4.75 8.78
C ARG A 258 -23.24 5.92 7.86
N PRO A 259 -24.29 5.80 7.04
CA PRO A 259 -24.70 6.89 6.13
C PRO A 259 -24.98 8.16 6.91
N ILE A 260 -24.53 9.30 6.39
CA ILE A 260 -24.67 10.59 7.04
C ILE A 260 -26.14 10.96 7.28
N GLN A 261 -26.45 11.36 8.51
CA GLN A 261 -27.77 11.88 8.83
C GLN A 261 -27.68 13.38 9.11
N ILE A 262 -28.32 14.18 8.26
CA ILE A 262 -28.34 15.62 8.42
C ILE A 262 -29.50 16.03 9.32
N PRO A 263 -29.22 16.84 10.37
CA PRO A 263 -30.27 17.32 11.27
C PRO A 263 -31.13 18.38 10.59
N ASP A 264 -32.43 18.37 10.86
CA ASP A 264 -33.34 19.41 10.37
C ASP A 264 -32.87 20.76 10.90
N SER A 265 -32.28 20.72 12.09
CA SER A 265 -31.68 21.89 12.73
C SER A 265 -30.66 22.55 11.81
N GLY A 266 -29.96 21.73 11.04
CA GLY A 266 -28.96 22.21 10.11
C GLY A 266 -27.56 21.74 10.45
N HIS A 267 -26.73 21.60 9.42
CA HIS A 267 -25.33 21.24 9.57
C HIS A 267 -24.50 22.42 9.06
N PRO A 268 -23.45 22.79 9.81
CA PRO A 268 -22.66 24.00 9.51
C PRO A 268 -22.01 24.01 8.12
N VAL A 269 -21.90 22.84 7.49
CA VAL A 269 -21.27 22.73 6.19
C VAL A 269 -22.09 21.88 5.21
N LEU A 270 -22.54 20.72 5.68
CA LEU A 270 -23.29 19.79 4.83
C LEU A 270 -24.75 20.21 4.69
N THR A 271 -25.42 19.61 3.72
CA THR A 271 -26.84 19.86 3.46
C THR A 271 -27.59 18.54 3.25
N LEU A 272 -28.89 18.63 2.98
CA LEU A 272 -29.72 17.44 2.77
C LEU A 272 -29.24 16.60 1.59
N ASP A 273 -28.56 17.24 0.65
CA ASP A 273 -27.99 16.55 -0.51
C ASP A 273 -26.94 15.53 -0.08
N ASP A 274 -26.37 15.75 1.10
CA ASP A 274 -25.32 14.88 1.63
C ASP A 274 -25.88 13.76 2.52
N ASP A 275 -27.18 13.80 2.79
CA ASP A 275 -27.82 12.78 3.62
C ASP A 275 -27.90 11.43 2.90
N GLY A 276 -27.49 10.38 3.60
CA GLY A 276 -27.53 9.04 3.05
C GLY A 276 -26.23 8.65 2.35
N LYS A 277 -25.25 9.53 2.40
CA LYS A 277 -23.96 9.30 1.75
C LYS A 277 -22.90 8.82 2.74
N ASN A 278 -21.81 8.27 2.21
CA ASN A 278 -20.77 7.69 3.05
C ASN A 278 -19.39 8.29 2.79
N TYR A 279 -19.14 8.71 1.56
CA TYR A 279 -17.87 9.31 1.18
C TYR A 279 -18.02 10.82 1.00
N ILE A 280 -17.01 11.58 1.43
CA ILE A 280 -16.92 13.00 1.10
C ILE A 280 -15.48 13.33 0.69
N ILE A 281 -15.33 14.08 -0.40
CA ILE A 281 -14.02 14.52 -0.85
C ILE A 281 -13.87 16.01 -0.57
N TRP A 282 -12.84 16.37 0.18
CA TRP A 282 -12.66 17.74 0.64
C TRP A 282 -11.49 18.44 -0.03
N ASP A 283 -11.59 19.75 -0.20
CA ASP A 283 -10.45 20.58 -0.58
C ASP A 283 -9.79 21.07 0.72
N ILE A 284 -8.66 20.48 1.08
CA ILE A 284 -7.96 20.78 2.33
C ILE A 284 -7.69 22.27 2.54
N GLU A 285 -7.18 22.93 1.50
CA GLU A 285 -6.83 24.35 1.56
C GLU A 285 -8.00 25.25 2.00
N THR A 286 -9.17 25.01 1.41
CA THR A 286 -10.35 25.81 1.71
C THR A 286 -11.28 25.13 2.71
N ALA A 287 -10.95 23.88 3.04
CA ALA A 287 -11.76 23.05 3.95
C ALA A 287 -13.21 22.84 3.48
N ARG A 288 -13.49 23.15 2.22
CA ARG A 288 -14.84 22.98 1.69
C ARG A 288 -15.00 21.64 0.98
N PRO A 289 -16.16 20.98 1.17
CA PRO A 289 -16.44 19.70 0.53
C PRO A 289 -16.75 19.89 -0.96
N LEU A 290 -16.18 19.04 -1.80
CA LEU A 290 -16.35 19.17 -3.25
C LEU A 290 -17.48 18.30 -3.76
N ARG A 291 -17.52 17.05 -3.31
CA ARG A 291 -18.55 16.10 -3.70
C ARG A 291 -18.89 15.14 -2.58
N SER A 292 -20.08 14.57 -2.65
CA SER A 292 -20.53 13.56 -1.70
C SER A 292 -20.99 12.31 -2.44
N PHE A 293 -20.58 11.14 -1.99
CA PHE A 293 -20.96 9.90 -2.65
C PHE A 293 -21.55 8.89 -1.69
N ALA A 294 -22.53 8.13 -2.16
CA ALA A 294 -23.17 7.09 -1.35
C ALA A 294 -22.40 5.79 -1.51
N GLN A 295 -22.62 4.84 -0.60
CA GLN A 295 -22.02 3.53 -0.72
C GLN A 295 -22.52 2.77 -1.94
N GLN A 296 -21.68 1.89 -2.46
CA GLN A 296 -22.00 1.14 -3.67
C GLN A 296 -23.08 0.11 -3.46
N ASP A 297 -23.70 -0.32 -4.56
CA ASP A 297 -24.82 -1.24 -4.51
C ASP A 297 -24.47 -2.57 -3.84
N ILE A 298 -23.37 -3.17 -4.29
CA ILE A 298 -22.99 -4.48 -3.77
C ILE A 298 -21.49 -4.76 -3.94
N PHE A 312 -14.47 -3.13 3.71
CA PHE A 312 -13.09 -3.50 4.06
C PHE A 312 -12.01 -2.81 3.19
N PRO A 313 -12.07 -2.97 1.85
CA PRO A 313 -10.96 -2.44 1.06
C PRO A 313 -10.84 -0.91 1.14
N TRP A 314 -9.61 -0.42 1.00
CA TRP A 314 -9.33 1.00 1.16
C TRP A 314 -7.95 1.32 0.59
N PRO A 315 -7.85 2.41 -0.19
CA PRO A 315 -8.94 3.35 -0.51
C PRO A 315 -9.83 2.87 -1.63
N VAL A 316 -11.06 3.38 -1.66
CA VAL A 316 -12.00 3.10 -2.74
C VAL A 316 -11.83 4.13 -3.85
N PHE A 317 -11.80 5.40 -3.47
CA PHE A 317 -11.50 6.47 -4.41
C PHE A 317 -9.99 6.56 -4.59
N LYS A 318 -9.52 6.16 -5.77
CA LYS A 318 -8.10 6.06 -6.03
C LYS A 318 -7.56 7.26 -6.80
N TRP A 319 -6.39 7.73 -6.41
CA TRP A 319 -5.85 8.97 -6.95
C TRP A 319 -4.75 8.74 -7.98
N SER A 320 -4.69 9.62 -8.97
CA SER A 320 -3.54 9.68 -9.86
C SER A 320 -2.40 10.31 -9.08
N ALA A 321 -1.17 10.09 -9.53
CA ALA A 321 0.02 10.53 -8.82
C ALA A 321 0.10 12.05 -8.61
N ASP A 322 -0.54 12.81 -9.48
CA ASP A 322 -0.43 14.28 -9.45
C ASP A 322 -1.66 14.99 -8.91
N ASP A 323 -2.51 14.27 -8.18
CA ASP A 323 -3.74 14.83 -7.60
C ASP A 323 -4.69 15.41 -8.66
N LYS A 324 -4.52 15.03 -9.92
CA LYS A 324 -5.31 15.58 -11.01
C LYS A 324 -6.60 14.79 -11.22
N TYR A 325 -6.54 13.49 -10.98
CA TYR A 325 -7.69 12.63 -11.17
C TYR A 325 -7.93 11.77 -9.94
N VAL A 326 -9.20 11.49 -9.68
CA VAL A 326 -9.58 10.51 -8.67
C VAL A 326 -10.69 9.65 -9.26
N ALA A 327 -10.68 8.35 -8.95
CA ALA A 327 -11.61 7.44 -9.60
C ALA A 327 -12.20 6.41 -8.65
N ARG A 328 -13.42 5.98 -8.94
CA ARG A 328 -14.05 4.87 -8.22
C ARG A 328 -14.51 3.80 -9.19
N LEU A 329 -14.38 2.54 -8.78
CA LEU A 329 -14.81 1.41 -9.59
C LEU A 329 -16.30 1.16 -9.49
N ASN A 330 -16.95 1.03 -10.64
CA ASN A 330 -18.33 0.54 -10.70
C ASN A 330 -18.30 -0.87 -11.26
N GLN A 331 -18.06 -1.84 -10.39
CA GLN A 331 -17.68 -3.21 -10.77
C GLN A 331 -18.61 -3.88 -11.79
N GLY A 332 -18.02 -4.38 -12.86
CA GLY A 332 -18.76 -5.05 -13.91
C GLY A 332 -19.20 -4.11 -15.01
N THR A 333 -19.09 -2.81 -14.76
CA THR A 333 -19.65 -1.81 -15.68
C THR A 333 -18.66 -0.76 -16.15
N SER A 334 -18.15 0.05 -15.22
CA SER A 334 -17.33 1.19 -15.60
C SER A 334 -16.39 1.67 -14.50
N ILE A 335 -15.58 2.66 -14.84
CA ILE A 335 -14.74 3.36 -13.88
C ILE A 335 -15.00 4.86 -13.97
N SER A 336 -15.56 5.43 -12.90
CA SER A 336 -15.86 6.86 -12.89
C SER A 336 -14.62 7.66 -12.53
N ILE A 337 -14.09 8.40 -13.49
CA ILE A 337 -12.91 9.23 -13.26
C ILE A 337 -13.30 10.71 -13.17
N TYR A 338 -12.84 11.38 -12.12
CA TYR A 338 -13.16 12.78 -11.91
C TYR A 338 -11.91 13.62 -12.02
N GLU A 339 -12.04 14.81 -12.62
CA GLU A 339 -10.91 15.72 -12.75
C GLU A 339 -11.01 16.84 -11.72
N LEU A 340 -9.91 17.09 -11.02
CA LEU A 340 -9.88 18.11 -9.97
C LEU A 340 -9.26 19.41 -10.50
N PRO A 341 -9.53 20.55 -9.82
CA PRO A 341 -10.24 20.76 -8.56
C PRO A 341 -11.77 20.82 -8.68
N LYS A 342 -12.30 20.75 -9.89
CA LYS A 342 -13.75 20.85 -10.08
C LYS A 342 -14.50 19.58 -9.72
N MET A 343 -13.78 18.47 -9.58
CA MET A 343 -14.39 17.16 -9.33
C MET A 343 -15.46 16.81 -10.37
N ASN A 344 -15.19 17.19 -11.62
CA ASN A 344 -16.12 16.94 -12.71
C ASN A 344 -15.83 15.62 -13.43
N LEU A 345 -16.89 14.92 -13.83
CA LEU A 345 -16.73 13.67 -14.56
C LEU A 345 -16.06 13.91 -15.90
N LEU A 346 -14.95 13.19 -16.13
CA LEU A 346 -14.15 13.36 -17.33
C LEU A 346 -14.95 13.10 -18.61
N ASP A 347 -15.05 14.12 -19.47
CA ASP A 347 -15.82 14.05 -20.70
C ASP A 347 -17.30 13.71 -20.46
N LYS A 348 -17.76 14.02 -19.26
CA LYS A 348 -19.15 13.86 -18.88
C LYS A 348 -19.52 12.39 -19.03
N GLN A 349 -18.54 11.53 -18.90
CA GLN A 349 -18.73 10.09 -19.08
C GLN A 349 -17.82 9.26 -18.19
N ALA A 350 -18.35 8.17 -17.65
CA ALA A 350 -17.51 7.17 -16.99
C ALA A 350 -16.93 6.26 -18.05
N VAL A 351 -15.69 5.82 -17.84
CA VAL A 351 -15.03 4.90 -18.77
C VAL A 351 -15.73 3.54 -18.77
N LYS A 352 -16.46 3.25 -19.85
CA LYS A 352 -17.12 1.96 -20.01
C LYS A 352 -16.11 0.83 -20.20
N ILE A 353 -16.07 -0.11 -19.25
CA ILE A 353 -15.26 -1.32 -19.38
C ILE A 353 -16.09 -2.52 -18.91
N GLU A 354 -16.58 -3.31 -19.85
CA GLU A 354 -17.49 -4.41 -19.53
C GLU A 354 -16.81 -5.48 -18.70
N GLY A 355 -17.30 -5.67 -17.48
CA GLY A 355 -16.80 -6.70 -16.59
C GLY A 355 -15.63 -6.29 -15.72
N VAL A 356 -15.23 -5.02 -15.77
CA VAL A 356 -14.07 -4.54 -15.03
C VAL A 356 -14.14 -4.93 -13.54
N MET A 357 -13.10 -5.62 -13.08
CA MET A 357 -13.08 -6.21 -11.75
C MET A 357 -12.38 -5.32 -10.74
N ASP A 358 -11.29 -4.70 -11.15
CA ASP A 358 -10.53 -3.79 -10.30
C ASP A 358 -9.60 -2.92 -11.14
N PHE A 359 -8.92 -1.97 -10.51
CA PHE A 359 -8.02 -1.06 -11.20
C PHE A 359 -7.05 -0.39 -10.24
N GLU A 360 -5.87 -0.01 -10.75
CA GLU A 360 -4.88 0.72 -9.97
C GLU A 360 -4.19 1.78 -10.82
N TRP A 361 -4.12 3.01 -10.30
CA TRP A 361 -3.33 4.05 -10.95
C TRP A 361 -1.86 3.72 -10.79
N ALA A 362 -1.02 4.33 -11.62
CA ALA A 362 0.41 4.25 -11.42
C ALA A 362 0.76 5.18 -10.27
N PRO A 363 1.68 4.74 -9.38
CA PRO A 363 2.09 5.50 -8.19
C PRO A 363 2.96 6.70 -8.53
N ALA A 364 3.24 6.90 -9.81
CA ALA A 364 4.07 8.01 -10.26
C ALA A 364 3.64 8.49 -11.64
N THR A 365 4.02 9.72 -11.98
CA THR A 365 3.82 10.21 -13.33
C THR A 365 4.90 9.58 -14.22
N VAL A 366 4.49 8.66 -15.08
CA VAL A 366 5.45 7.92 -15.90
C VAL A 366 5.77 8.65 -17.21
N GLN A 367 7.06 8.74 -17.53
CA GLN A 367 7.47 9.22 -18.85
C GLN A 367 7.70 8.02 -19.77
N ARG A 368 6.69 7.63 -20.53
CA ARG A 368 6.84 6.56 -21.49
C ARG A 368 7.68 7.06 -22.66
N GLU A 369 8.38 6.17 -23.35
CA GLU A 369 9.31 6.60 -24.39
C GLU A 369 8.60 7.21 -25.60
N GLY A 370 8.95 8.46 -25.93
CA GLY A 370 8.46 9.10 -27.14
C GLY A 370 7.10 9.78 -27.05
N VAL A 371 6.47 9.75 -25.88
CA VAL A 371 5.17 10.40 -25.74
C VAL A 371 5.31 11.83 -25.21
N LYS A 372 4.89 12.79 -26.02
CA LYS A 372 5.08 14.21 -25.72
C LYS A 372 3.94 14.80 -24.89
N THR A 373 2.78 14.16 -24.95
CA THR A 373 1.58 14.68 -24.29
C THR A 373 1.49 14.29 -22.82
N TYR A 374 0.79 15.10 -22.03
CA TYR A 374 0.51 14.79 -20.64
C TYR A 374 -0.38 13.56 -20.55
N GLU A 375 -0.08 12.67 -19.61
CA GLU A 375 -0.92 11.50 -19.39
C GLU A 375 -0.78 10.90 -17.99
N GLN A 376 -1.84 10.24 -17.54
CA GLN A 376 -1.80 9.44 -16.32
C GLN A 376 -2.25 8.03 -16.66
N LEU A 377 -1.62 7.03 -16.04
CA LEU A 377 -1.86 5.64 -16.40
C LEU A 377 -2.53 4.85 -15.28
N PHE A 378 -3.46 3.98 -15.66
CA PHE A 378 -3.98 2.98 -14.73
C PHE A 378 -4.17 1.63 -15.43
N CYS A 379 -4.04 0.56 -14.67
CA CYS A 379 -4.28 -0.77 -15.20
C CYS A 379 -5.61 -1.30 -14.68
N PHE A 380 -6.21 -2.23 -15.41
CA PHE A 380 -7.48 -2.82 -15.04
C PHE A 380 -7.56 -4.23 -15.59
N TRP A 381 -8.55 -5.01 -15.16
CA TRP A 381 -8.73 -6.33 -15.75
C TRP A 381 -10.18 -6.78 -15.82
N THR A 382 -10.49 -7.55 -16.85
CA THR A 382 -11.81 -8.11 -17.07
C THR A 382 -11.69 -9.62 -17.13
N PRO A 383 -12.75 -10.34 -16.70
CA PRO A 383 -12.75 -11.80 -16.81
C PRO A 383 -13.20 -12.23 -18.20
N GLU A 384 -13.37 -13.53 -18.42
CA GLU A 384 -13.85 -14.01 -19.72
C GLU A 384 -15.30 -13.58 -19.97
N ILE A 385 -15.52 -12.97 -21.14
CA ILE A 385 -16.85 -12.51 -21.52
C ILE A 385 -17.22 -12.99 -22.92
N GLY A 386 -18.22 -13.86 -23.00
CA GLY A 386 -18.65 -14.42 -24.27
C GLY A 386 -17.53 -15.11 -25.02
N ASN A 387 -17.09 -14.49 -26.11
CA ASN A 387 -16.01 -15.04 -26.92
C ASN A 387 -14.72 -14.25 -26.82
N ASN A 388 -14.62 -13.38 -25.83
CA ASN A 388 -13.38 -12.67 -25.53
C ASN A 388 -12.78 -13.16 -24.22
N PRO A 389 -11.48 -13.49 -24.22
CA PRO A 389 -10.79 -14.03 -23.04
C PRO A 389 -10.65 -12.99 -21.94
N ALA A 390 -10.23 -13.41 -20.76
CA ALA A 390 -9.91 -12.45 -19.69
C ALA A 390 -8.71 -11.63 -20.13
N ARG A 391 -8.65 -10.38 -19.69
CA ARG A 391 -7.56 -9.50 -20.12
C ARG A 391 -7.15 -8.48 -19.05
N VAL A 392 -5.91 -8.04 -19.15
CA VAL A 392 -5.44 -6.91 -18.35
C VAL A 392 -5.17 -5.77 -19.32
N GLY A 393 -5.67 -4.58 -18.99
CA GLY A 393 -5.49 -3.43 -19.86
C GLY A 393 -4.67 -2.33 -19.23
N LEU A 394 -4.16 -1.44 -20.07
CA LEU A 394 -3.42 -0.28 -19.59
C LEU A 394 -3.92 0.96 -20.32
N MET A 395 -4.63 1.82 -19.60
CA MET A 395 -5.26 2.98 -20.20
C MET A 395 -4.53 4.29 -19.88
N SER A 396 -4.46 5.17 -20.87
CA SER A 396 -3.87 6.50 -20.70
C SER A 396 -4.97 7.55 -20.54
N ILE A 397 -4.86 8.35 -19.49
CA ILE A 397 -5.84 9.40 -19.21
C ILE A 397 -5.18 10.77 -19.42
N PRO A 398 -5.90 11.74 -20.02
CA PRO A 398 -7.32 11.73 -20.34
C PRO A 398 -7.69 11.24 -21.75
N SER A 399 -6.73 10.73 -22.51
CA SER A 399 -7.04 10.26 -23.86
C SER A 399 -7.99 9.06 -23.84
N LYS A 400 -7.97 8.30 -22.74
CA LYS A 400 -8.76 7.09 -22.59
C LYS A 400 -8.40 6.02 -23.63
N GLN A 401 -7.22 6.15 -24.22
CA GLN A 401 -6.71 5.16 -25.16
C GLN A 401 -6.09 3.98 -24.43
N ILE A 402 -6.30 2.78 -24.96
CA ILE A 402 -5.65 1.59 -24.42
C ILE A 402 -4.31 1.40 -25.13
N VAL A 403 -3.23 1.49 -24.35
CA VAL A 403 -1.89 1.44 -24.91
C VAL A 403 -1.32 0.02 -24.94
N ARG A 404 -1.91 -0.87 -24.15
CA ARG A 404 -1.52 -2.28 -24.14
C ARG A 404 -2.60 -3.17 -23.55
N THR A 405 -2.88 -4.27 -24.25
CA THR A 405 -3.80 -5.29 -23.74
C THR A 405 -3.04 -6.61 -23.59
N LEU A 406 -3.39 -7.38 -22.56
CA LEU A 406 -2.78 -8.69 -22.36
C LEU A 406 -3.89 -9.72 -22.12
N ASN A 407 -4.06 -10.64 -23.06
CA ASN A 407 -5.11 -11.65 -22.93
C ASN A 407 -4.63 -12.84 -22.11
N LEU A 408 -5.50 -13.28 -21.20
CA LEU A 408 -5.13 -14.33 -20.25
C LEU A 408 -6.12 -15.49 -20.36
N PHE A 409 -5.69 -16.68 -19.95
CA PHE A 409 -6.51 -17.88 -20.12
C PHE A 409 -6.57 -18.72 -18.85
N SER A 410 -7.70 -19.37 -18.63
CA SER A 410 -7.94 -20.17 -17.43
C SER A 410 -7.65 -19.39 -16.16
N VAL A 411 -8.25 -18.21 -16.01
CA VAL A 411 -7.96 -17.36 -14.85
C VAL A 411 -9.02 -17.29 -13.74
N SER A 412 -8.66 -17.76 -12.56
CA SER A 412 -9.45 -17.58 -11.34
C SER A 412 -9.56 -16.17 -10.74
N ASP A 413 -8.44 -15.46 -10.71
CA ASP A 413 -8.34 -14.10 -10.17
C ASP A 413 -7.06 -13.42 -10.68
N VAL A 414 -7.07 -12.09 -10.66
CA VAL A 414 -5.90 -11.32 -11.08
C VAL A 414 -5.56 -10.24 -10.06
N LYS A 415 -4.28 -10.12 -9.71
CA LYS A 415 -3.80 -9.02 -8.88
C LYS A 415 -2.80 -8.17 -9.66
N MET A 416 -2.92 -6.85 -9.55
CA MET A 416 -2.09 -5.94 -10.32
C MET A 416 -1.16 -5.13 -9.41
N HIS A 417 0.14 -5.30 -9.60
CA HIS A 417 1.14 -4.69 -8.72
C HIS A 417 2.09 -3.72 -9.42
N TRP A 418 1.88 -2.44 -9.21
CA TRP A 418 2.73 -1.39 -9.75
C TRP A 418 4.05 -1.26 -9.01
N GLN A 419 5.13 -1.04 -9.74
CA GLN A 419 6.39 -0.61 -9.18
C GLN A 419 6.28 0.85 -8.80
N SER A 420 7.10 1.32 -7.86
CA SER A 420 6.93 2.65 -7.30
C SER A 420 7.08 3.78 -8.31
N GLU A 421 7.99 3.64 -9.25
CA GLU A 421 8.20 4.66 -10.26
C GLU A 421 7.31 4.49 -11.47
N GLY A 422 6.51 3.43 -11.48
CA GLY A 422 5.66 3.11 -12.61
C GLY A 422 6.43 2.52 -13.78
N THR A 423 7.65 2.08 -13.51
CA THR A 423 8.51 1.50 -14.53
C THR A 423 8.02 0.10 -14.90
N TYR A 424 7.56 -0.65 -13.91
CA TYR A 424 7.09 -2.01 -14.12
C TYR A 424 5.69 -2.22 -13.56
N LEU A 425 4.96 -3.13 -14.18
CA LEU A 425 3.67 -3.58 -13.67
C LEU A 425 3.62 -5.08 -13.71
N CYS A 426 3.55 -5.71 -12.53
CA CYS A 426 3.46 -7.15 -12.46
C CYS A 426 2.02 -7.57 -12.27
N VAL A 427 1.57 -8.51 -13.09
CA VAL A 427 0.24 -9.08 -12.89
C VAL A 427 0.36 -10.51 -12.34
N LYS A 428 -0.35 -10.79 -11.27
CA LYS A 428 -0.38 -12.13 -10.69
C LYS A 428 -1.68 -12.78 -11.12
N VAL A 429 -1.59 -13.96 -11.73
CA VAL A 429 -2.76 -14.64 -12.27
C VAL A 429 -3.00 -16.00 -11.59
N ASP A 430 -4.11 -16.11 -10.86
CA ASP A 430 -4.52 -17.39 -10.30
C ASP A 430 -5.19 -18.22 -11.40
N ARG A 431 -4.66 -19.41 -11.65
CA ARG A 431 -5.14 -20.21 -12.78
C ARG A 431 -5.68 -21.55 -12.35
N HIS A 432 -6.20 -22.30 -13.31
CA HIS A 432 -6.82 -23.58 -13.03
C HIS A 432 -6.67 -24.56 -14.19
N SER A 433 -6.97 -25.84 -13.93
CA SER A 433 -6.90 -26.87 -14.95
C SER A 433 -8.16 -26.83 -15.83
N LYS A 434 -8.23 -27.69 -16.83
CA LYS A 434 -9.47 -27.86 -17.58
C LYS A 434 -10.51 -28.42 -16.63
N SER A 435 -10.03 -29.21 -15.67
CA SER A 435 -10.86 -29.77 -14.62
C SER A 435 -11.44 -28.66 -13.75
N LYS A 436 -10.84 -27.48 -13.85
CA LYS A 436 -11.18 -26.30 -13.04
C LYS A 436 -10.77 -26.45 -11.58
N LYS A 437 -9.94 -27.46 -11.30
CA LYS A 437 -9.22 -27.57 -10.05
C LYS A 437 -8.21 -26.43 -10.00
N SER A 438 -7.85 -25.98 -8.80
CA SER A 438 -6.73 -25.05 -8.66
C SER A 438 -5.49 -25.65 -9.31
N GLN A 439 -4.79 -24.85 -10.11
CA GLN A 439 -3.55 -25.32 -10.74
C GLN A 439 -2.34 -24.50 -10.29
N ALA A 440 -2.01 -23.47 -11.05
CA ALA A 440 -0.78 -22.72 -10.81
C ALA A 440 -0.99 -21.21 -10.84
N THR A 441 0.05 -20.48 -10.45
CA THR A 441 0.04 -19.02 -10.49
C THR A 441 1.11 -18.52 -11.45
N THR A 442 0.75 -17.58 -12.31
CA THR A 442 1.69 -17.04 -13.29
C THR A 442 2.01 -15.58 -12.97
N LEU A 443 3.30 -15.24 -13.06
CA LEU A 443 3.73 -13.85 -12.93
C LEU A 443 4.15 -13.30 -14.29
N GLU A 444 3.54 -12.19 -14.69
CA GLU A 444 3.90 -11.52 -15.93
C GLU A 444 4.19 -10.05 -15.66
N ILE A 445 5.11 -9.45 -16.41
CA ILE A 445 5.54 -8.09 -16.14
C ILE A 445 5.47 -7.17 -17.36
N PHE A 446 4.85 -6.00 -17.18
CA PHE A 446 4.80 -4.97 -18.21
C PHE A 446 6.01 -4.06 -18.06
N ARG A 447 6.62 -3.69 -19.17
CA ARG A 447 7.65 -2.66 -19.17
C ARG A 447 7.03 -1.38 -19.69
N VAL A 448 6.34 -0.68 -18.80
CA VAL A 448 5.48 0.46 -19.15
C VAL A 448 6.19 1.58 -19.93
N LYS A 449 7.44 1.84 -19.59
CA LYS A 449 8.19 2.93 -20.22
C LYS A 449 8.65 2.61 -21.65
N GLU A 450 8.79 1.33 -21.96
CA GLU A 450 9.38 0.92 -23.23
C GLU A 450 8.39 0.91 -24.40
N LYS A 451 8.91 1.17 -25.60
CA LYS A 451 8.12 1.19 -26.83
C LYS A 451 7.35 -0.10 -27.07
N GLY A 452 6.06 0.03 -27.36
CA GLY A 452 5.20 -1.12 -27.58
C GLY A 452 4.66 -1.73 -26.31
N VAL A 453 5.14 -1.24 -25.16
CA VAL A 453 4.82 -1.80 -23.86
C VAL A 453 5.00 -3.33 -23.84
N PRO A 454 6.25 -3.79 -23.83
CA PRO A 454 6.50 -5.24 -23.86
C PRO A 454 6.03 -5.95 -22.60
N VAL A 455 5.46 -7.15 -22.79
CA VAL A 455 5.04 -7.99 -21.67
C VAL A 455 5.92 -9.25 -21.65
N GLU A 456 6.45 -9.60 -20.49
CA GLU A 456 7.26 -10.82 -20.37
C GLU A 456 6.66 -11.83 -19.38
N VAL A 457 6.82 -13.11 -19.70
CA VAL A 457 6.37 -14.19 -18.82
C VAL A 457 7.51 -14.55 -17.87
N VAL A 458 7.40 -14.13 -16.62
CA VAL A 458 8.47 -14.34 -15.65
C VAL A 458 8.60 -15.80 -15.23
N ASP A 459 7.57 -16.30 -14.55
CA ASP A 459 7.59 -17.65 -14.03
C ASP A 459 6.17 -18.12 -13.74
N THR A 460 6.01 -19.44 -13.59
CA THR A 460 4.75 -20.03 -13.18
C THR A 460 5.00 -20.87 -11.93
N ILE A 461 4.30 -20.55 -10.85
CA ILE A 461 4.52 -21.22 -9.55
C ILE A 461 3.32 -22.02 -9.04
N LYS A 462 3.61 -23.20 -8.50
CA LYS A 462 2.58 -24.14 -8.07
C LYS A 462 1.65 -23.72 -6.95
N ASP A 463 2.19 -23.11 -5.91
CA ASP A 463 1.39 -22.73 -4.74
C ASP A 463 0.72 -21.36 -4.91
N THR A 464 -0.16 -21.03 -3.98
CA THR A 464 -0.88 -19.75 -4.00
C THR A 464 0.00 -18.63 -3.43
N VAL A 465 -0.17 -17.41 -3.96
CA VAL A 465 0.57 -16.26 -3.47
C VAL A 465 -0.28 -15.51 -2.47
N ILE A 466 0.27 -15.25 -1.28
CA ILE A 466 -0.46 -14.56 -0.22
C ILE A 466 0.18 -13.22 0.11
N ASN A 467 1.37 -12.99 -0.43
CA ASN A 467 2.08 -11.72 -0.26
C ASN A 467 2.90 -11.37 -1.49
N PHE A 468 2.86 -10.09 -1.87
CA PHE A 468 3.66 -9.58 -2.96
C PHE A 468 4.11 -8.17 -2.62
N ALA A 469 5.38 -7.88 -2.86
CA ALA A 469 5.90 -6.54 -2.61
C ALA A 469 7.06 -6.18 -3.53
N TRP A 470 6.89 -5.11 -4.28
CA TRP A 470 7.97 -4.54 -5.09
C TRP A 470 8.98 -3.84 -4.19
N GLU A 471 10.23 -3.78 -4.65
CA GLU A 471 11.24 -2.95 -4.01
C GLU A 471 10.98 -1.50 -4.43
N PRO A 472 10.81 -0.61 -3.45
CA PRO A 472 10.62 0.82 -3.71
C PRO A 472 11.79 1.40 -4.48
N LYS A 473 11.50 2.05 -5.60
CA LYS A 473 12.53 2.66 -6.45
C LYS A 473 13.55 1.66 -6.98
N GLY A 474 13.18 0.39 -6.99
CA GLY A 474 14.08 -0.65 -7.47
C GLY A 474 13.37 -1.64 -8.38
N ASP A 475 14.09 -2.68 -8.79
CA ASP A 475 13.55 -3.70 -9.68
C ASP A 475 13.50 -5.09 -9.07
N ARG A 476 13.40 -5.16 -7.76
CA ARG A 476 13.38 -6.44 -7.07
C ARG A 476 12.07 -6.61 -6.36
N PHE A 477 11.56 -7.83 -6.35
CA PHE A 477 10.33 -8.09 -5.62
C PHE A 477 10.33 -9.42 -4.87
N VAL A 478 9.50 -9.51 -3.85
CA VAL A 478 9.40 -10.70 -3.00
C VAL A 478 7.98 -11.23 -3.03
N ILE A 479 7.85 -12.55 -2.98
CA ILE A 479 6.55 -13.17 -2.80
C ILE A 479 6.61 -14.15 -1.64
N ILE A 480 5.46 -14.41 -1.04
CA ILE A 480 5.34 -15.45 -0.03
C ILE A 480 4.24 -16.40 -0.48
N THR A 481 4.54 -17.69 -0.54
CA THR A 481 3.56 -18.67 -0.99
C THR A 481 3.21 -19.66 0.11
N THR A 482 2.05 -20.29 -0.02
CA THR A 482 1.66 -21.40 0.83
C THR A 482 0.82 -22.38 0.01
N PRO A 483 1.05 -23.69 0.19
CA PRO A 483 0.33 -24.70 -0.59
C PRO A 483 -1.16 -24.73 -0.26
N GLU A 484 -1.95 -25.39 -1.09
CA GLU A 484 -3.37 -25.56 -0.83
C GLU A 484 -3.60 -26.68 0.19
N PRO A 485 -4.52 -26.46 1.13
CA PRO A 485 -4.90 -27.48 2.11
C PRO A 485 -6.10 -28.30 1.64
N VAL A 486 -6.05 -29.61 1.86
CA VAL A 486 -7.16 -30.48 1.48
C VAL A 486 -7.96 -30.88 2.72
N GLY A 487 -7.30 -30.93 3.87
CA GLY A 487 -7.95 -31.41 5.09
C GLY A 487 -8.38 -30.31 6.04
N ALA A 488 -8.00 -29.07 5.74
CA ALA A 488 -8.18 -27.96 6.67
C ALA A 488 -7.61 -28.34 8.03
N THR A 489 -6.43 -28.96 8.00
CA THR A 489 -5.82 -29.59 9.16
C THR A 489 -5.38 -28.56 10.20
N ALA A 490 -5.43 -28.97 11.47
CA ALA A 490 -5.03 -28.14 12.60
C ALA A 490 -3.66 -27.47 12.45
N VAL A 491 -2.66 -28.20 11.96
CA VAL A 491 -1.33 -27.61 11.78
C VAL A 491 -1.38 -26.46 10.77
N PRO A 492 -0.80 -25.30 11.15
CA PRO A 492 -0.78 -24.16 10.22
C PRO A 492 0.07 -24.48 9.01
N PRO A 493 -0.26 -23.86 7.87
CA PRO A 493 0.59 -24.12 6.70
C PRO A 493 1.92 -23.39 6.82
N LYS A 494 3.00 -24.07 6.47
CA LYS A 494 4.29 -23.40 6.40
C LYS A 494 4.30 -22.54 5.15
N THR A 495 5.02 -21.43 5.18
CA THR A 495 5.06 -20.54 4.03
C THR A 495 6.47 -20.46 3.44
N SER A 496 6.54 -20.25 2.12
CA SER A 496 7.83 -20.10 1.46
C SER A 496 7.96 -18.68 0.93
N VAL A 497 9.11 -18.06 1.17
CA VAL A 497 9.37 -16.72 0.65
C VAL A 497 10.40 -16.80 -0.49
N SER A 498 10.05 -16.21 -1.63
CA SER A 498 10.92 -16.25 -2.80
C SER A 498 11.32 -14.86 -3.27
N PHE A 499 12.58 -14.71 -3.65
CA PHE A 499 13.07 -13.45 -4.19
C PHE A 499 13.15 -13.50 -5.71
N PHE A 500 12.80 -12.40 -6.35
CA PHE A 500 12.93 -12.28 -7.79
C PHE A 500 13.70 -11.01 -8.12
N CYS A 501 14.61 -11.12 -9.09
CA CYS A 501 15.36 -9.95 -9.55
C CYS A 501 15.64 -10.13 -11.03
N PRO A 502 15.96 -9.04 -11.70
CA PRO A 502 16.35 -9.06 -13.11
C PRO A 502 17.75 -9.62 -13.33
N GLU A 503 17.98 -10.17 -14.53
CA GLU A 503 19.30 -10.63 -14.90
C GLU A 503 20.20 -9.44 -15.10
N LEU A 504 21.49 -9.63 -14.93
CA LEU A 504 22.44 -8.60 -15.28
C LEU A 504 22.42 -8.41 -16.79
N LYS A 505 22.47 -7.17 -17.24
CA LYS A 505 22.48 -6.87 -18.67
C LYS A 505 23.50 -5.78 -18.99
N LYS A 506 24.26 -6.00 -20.05
CA LYS A 506 25.30 -5.07 -20.49
C LYS A 506 24.67 -3.73 -20.91
N GLY A 507 25.16 -2.64 -20.31
CA GLY A 507 24.65 -1.32 -20.63
C GLY A 507 23.74 -0.75 -19.55
N ASN A 508 23.01 0.31 -19.91
CA ASN A 508 22.07 0.95 -18.99
C ASN A 508 20.71 0.28 -18.97
N GLN A 509 20.69 -1.01 -19.28
CA GLN A 509 19.43 -1.74 -19.36
C GLN A 509 19.32 -2.84 -18.33
N VAL A 510 18.09 -3.34 -18.18
CA VAL A 510 17.75 -4.29 -17.15
C VAL A 510 17.33 -5.61 -17.78
N GLY A 511 17.99 -6.70 -17.40
CA GLY A 511 17.73 -8.00 -17.97
C GLY A 511 16.33 -8.52 -17.63
N SER A 512 16.02 -9.72 -18.11
CA SER A 512 14.70 -10.29 -17.88
C SER A 512 14.55 -10.71 -16.42
N PHE A 513 13.33 -10.59 -15.89
CA PHE A 513 13.09 -10.95 -14.49
C PHE A 513 13.20 -12.46 -14.29
N LYS A 514 13.92 -12.85 -13.24
CA LYS A 514 14.17 -14.27 -12.98
C LYS A 514 14.03 -14.56 -11.49
N HIS A 515 13.78 -15.83 -11.18
CA HIS A 515 13.76 -16.27 -9.80
C HIS A 515 15.17 -16.19 -9.21
N LEU A 516 15.29 -15.57 -8.04
CA LEU A 516 16.58 -15.41 -7.37
C LEU A 516 16.83 -16.54 -6.38
N ARG A 517 15.98 -16.63 -5.35
CA ARG A 517 16.12 -17.66 -4.34
C ARG A 517 14.82 -17.88 -3.58
N THR A 518 14.62 -19.11 -3.12
CA THR A 518 13.51 -19.44 -2.24
C THR A 518 14.03 -19.90 -0.89
N LEU A 519 13.56 -19.25 0.17
CA LEU A 519 13.96 -19.60 1.53
C LEU A 519 13.30 -20.87 2.04
N GLU A 520 13.91 -21.49 3.04
CA GLU A 520 13.34 -22.69 3.64
C GLU A 520 12.01 -22.41 4.30
N LYS A 521 11.08 -23.35 4.18
CA LYS A 521 9.75 -23.20 4.72
C LYS A 521 9.77 -22.65 6.13
N LYS A 522 8.82 -21.77 6.41
CA LYS A 522 8.68 -21.10 7.69
C LYS A 522 7.29 -20.48 7.73
N ASN A 523 6.98 -19.78 8.81
CA ASN A 523 5.66 -19.19 8.98
C ASN A 523 5.48 -17.73 8.54
N HIS A 524 6.49 -17.15 7.92
CA HIS A 524 6.45 -15.75 7.51
C HIS A 524 5.22 -15.43 6.66
N ASN A 525 4.71 -14.21 6.79
CA ASN A 525 3.49 -13.81 6.10
C ASN A 525 3.40 -12.30 5.85
N ALA A 526 4.52 -11.61 6.02
CA ALA A 526 4.54 -10.17 5.84
C ALA A 526 5.87 -9.68 5.26
N ILE A 527 5.78 -8.73 4.35
CA ILE A 527 6.96 -8.16 3.70
C ILE A 527 7.04 -6.65 3.95
N TYR A 528 8.20 -6.19 4.43
CA TYR A 528 8.39 -4.76 4.67
C TYR A 528 9.70 -4.25 4.07
N TRP A 529 9.62 -3.80 2.82
CA TRP A 529 10.74 -3.16 2.15
C TRP A 529 11.04 -1.82 2.78
N SER A 530 12.32 -1.43 2.76
CA SER A 530 12.73 -0.09 3.14
C SER A 530 12.32 0.88 2.03
N PRO A 531 11.94 2.12 2.41
CA PRO A 531 11.50 3.15 1.47
C PRO A 531 12.59 3.48 0.45
N LYS A 532 13.83 3.36 0.91
CA LYS A 532 15.04 3.39 0.10
C LYS A 532 15.16 2.17 -0.82
N GLY A 533 14.74 1.03 -0.31
CA GLY A 533 14.58 -0.18 -1.07
C GLY A 533 15.70 -1.19 -1.19
N ARG A 534 16.88 -0.91 -0.65
CA ARG A 534 17.91 -1.94 -0.61
C ARG A 534 17.55 -3.09 0.32
N PHE A 535 16.92 -2.74 1.43
CA PHE A 535 16.73 -3.66 2.55
C PHE A 535 15.27 -4.00 2.74
N VAL A 536 15.02 -5.26 3.11
CA VAL A 536 13.65 -5.73 3.29
C VAL A 536 13.55 -6.54 4.57
N VAL A 537 12.45 -6.35 5.30
CA VAL A 537 12.19 -7.12 6.51
C VAL A 537 11.12 -8.18 6.24
N ILE A 538 11.51 -9.45 6.37
CA ILE A 538 10.55 -10.54 6.24
C ILE A 538 10.08 -10.90 7.64
N ALA A 539 8.77 -10.86 7.85
CA ALA A 539 8.22 -10.94 9.20
C ALA A 539 7.17 -12.02 9.37
N THR A 540 6.80 -12.29 10.62
CA THR A 540 5.71 -13.20 10.95
C THR A 540 4.81 -12.52 11.97
N VAL A 541 3.70 -11.96 11.50
CA VAL A 541 2.81 -11.18 12.36
C VAL A 541 1.44 -11.83 12.52
N HIS A 542 0.71 -11.40 13.56
CA HIS A 542 -0.64 -11.89 13.84
C HIS A 542 -0.70 -13.41 14.00
N ASN A 543 0.38 -13.97 14.54
CA ASN A 543 0.47 -15.41 14.76
C ASN A 543 0.87 -15.70 16.21
N THR A 544 0.44 -16.85 16.72
CA THR A 544 0.72 -17.23 18.10
C THR A 544 1.87 -18.24 18.18
N GLN A 545 2.11 -18.96 17.09
CA GLN A 545 3.10 -20.02 17.07
C GLN A 545 4.53 -19.51 16.81
N SER A 546 4.65 -18.41 16.09
CA SER A 546 5.96 -17.83 15.81
C SER A 546 5.96 -16.30 15.69
N SER A 547 7.10 -15.69 16.01
CA SER A 547 7.25 -14.23 15.91
C SER A 547 8.49 -13.74 15.13
N ASP A 548 9.06 -14.58 14.28
CA ASP A 548 10.41 -14.37 13.78
C ASP A 548 10.51 -13.14 12.85
N LEU A 549 11.65 -12.47 12.90
CA LEU A 549 11.96 -11.37 12.00
C LEU A 549 13.26 -11.65 11.28
N GLU A 550 13.30 -11.36 9.98
CA GLU A 550 14.53 -11.51 9.21
C GLU A 550 14.85 -10.21 8.48
N PHE A 551 16.09 -9.77 8.57
CA PHE A 551 16.54 -8.55 7.92
C PHE A 551 17.47 -8.90 6.77
N TRP A 552 17.06 -8.59 5.54
CA TRP A 552 17.80 -8.99 4.35
C TRP A 552 18.39 -7.82 3.57
N ASP A 553 19.53 -8.08 2.93
CA ASP A 553 20.15 -7.13 2.02
C ASP A 553 20.08 -7.70 0.61
N LEU A 554 19.77 -6.86 -0.37
CA LEU A 554 19.71 -7.28 -1.77
C LEU A 554 20.89 -6.77 -2.57
N ASP A 555 21.67 -5.87 -1.95
CA ASP A 555 22.87 -5.33 -2.58
C ASP A 555 24.07 -5.49 -1.65
N PHE A 556 24.20 -6.67 -1.06
CA PHE A 556 25.28 -6.94 -0.12
C PHE A 556 26.64 -7.01 -0.82
N ASP A 557 27.64 -6.40 -0.20
CA ASP A 557 29.00 -6.45 -0.71
C ASP A 557 29.60 -7.82 -0.43
N GLY A 558 29.20 -8.80 -1.23
CA GLY A 558 29.67 -10.16 -1.08
C GLY A 558 29.77 -10.86 -2.41
N GLU A 559 30.20 -12.12 -2.39
CA GLU A 559 30.30 -12.92 -3.60
C GLU A 559 29.00 -13.71 -3.81
N LYS A 560 28.41 -13.57 -4.98
CA LYS A 560 27.18 -14.27 -5.31
C LYS A 560 27.46 -15.77 -5.43
N PRO A 561 26.53 -16.60 -4.90
CA PRO A 561 26.64 -18.05 -5.10
C PRO A 561 26.53 -18.40 -6.58
N GLU A 562 27.09 -19.55 -6.97
CA GLU A 562 27.22 -19.91 -8.38
C GLU A 562 25.90 -19.92 -9.16
N ASN A 563 24.85 -20.44 -8.55
CA ASN A 563 23.55 -20.53 -9.20
C ASN A 563 22.83 -19.19 -9.35
N GLU A 564 23.27 -18.19 -8.60
CA GLU A 564 22.64 -16.87 -8.61
C GLU A 564 23.58 -15.81 -9.18
N LYS A 565 24.62 -16.25 -9.87
CA LYS A 565 25.73 -15.36 -10.24
C LYS A 565 25.41 -14.35 -11.35
N ASP A 566 24.55 -14.73 -12.29
CA ASP A 566 24.20 -13.84 -13.39
C ASP A 566 23.17 -12.80 -12.98
N LEU A 567 22.59 -12.95 -11.80
CA LEU A 567 21.49 -12.10 -11.38
C LEU A 567 21.97 -10.78 -10.75
N ALA A 568 21.18 -9.72 -10.96
CA ALA A 568 21.54 -8.39 -10.46
C ALA A 568 21.11 -8.19 -9.01
N ALA A 569 21.67 -9.00 -8.12
CA ALA A 569 21.43 -8.91 -6.69
C ALA A 569 22.45 -9.74 -5.94
N CYS A 570 22.70 -9.37 -4.69
CA CYS A 570 23.51 -10.18 -3.79
C CYS A 570 22.76 -10.34 -2.48
N LEU A 571 22.01 -11.43 -2.38
CA LEU A 571 21.15 -11.69 -1.23
C LEU A 571 21.96 -12.12 -0.01
N GLN A 572 21.71 -11.47 1.12
CA GLN A 572 22.43 -11.78 2.36
C GLN A 572 21.60 -11.47 3.60
N LEU A 573 21.49 -12.44 4.50
CA LEU A 573 20.79 -12.23 5.76
C LEU A 573 21.64 -11.34 6.68
N MET A 574 21.11 -10.19 7.03
CA MET A 574 21.85 -9.20 7.82
C MET A 574 21.65 -9.37 9.32
N GLY A 575 20.64 -10.14 9.70
CA GLY A 575 20.34 -10.34 11.11
C GLY A 575 18.91 -10.79 11.35
N THR A 576 18.67 -11.37 12.52
CA THR A 576 17.34 -11.83 12.88
C THR A 576 16.88 -11.11 14.14
N GLY A 577 15.63 -11.36 14.54
CA GLY A 577 15.07 -10.74 15.71
C GLY A 577 13.73 -11.35 16.05
N ASP A 578 13.13 -10.89 17.15
CA ASP A 578 11.83 -11.41 17.55
C ASP A 578 11.02 -10.35 18.29
N HIS A 579 9.71 -10.56 18.33
CA HIS A 579 8.79 -9.65 18.99
C HIS A 579 7.49 -10.40 19.25
N TYR A 580 7.29 -10.83 20.49
CA TYR A 580 6.13 -11.66 20.84
C TYR A 580 4.82 -10.91 20.63
N GLY A 581 3.88 -11.56 19.95
CA GLY A 581 2.57 -10.97 19.69
C GLY A 581 2.64 -9.73 18.80
N ILE A 582 3.66 -9.68 17.95
CA ILE A 582 3.84 -8.57 17.02
C ILE A 582 2.66 -8.46 16.04
N THR A 583 2.24 -7.24 15.75
CA THR A 583 1.10 -7.02 14.85
C THR A 583 1.49 -6.19 13.64
N ASP A 584 2.39 -5.24 13.83
CA ASP A 584 2.75 -4.31 12.77
C ASP A 584 4.23 -3.96 12.77
N VAL A 585 4.75 -3.55 11.61
CA VAL A 585 6.09 -2.97 11.50
C VAL A 585 6.09 -1.82 10.50
N GLU A 586 6.86 -0.77 10.78
CA GLU A 586 6.99 0.34 9.85
C GLU A 586 8.43 0.86 9.79
N TRP A 587 8.95 1.00 8.58
CA TRP A 587 10.28 1.55 8.33
C TRP A 587 10.29 3.04 8.54
N ASP A 588 11.42 3.57 8.99
CA ASP A 588 11.59 5.01 9.09
C ASP A 588 11.77 5.62 7.69
N PRO A 589 11.47 6.98 7.59
CA PRO A 589 11.58 7.51 6.23
C PRO A 589 12.97 7.36 5.64
N SER A 590 14.01 7.49 6.46
CA SER A 590 15.39 7.47 5.98
C SER A 590 15.89 6.05 5.71
N GLY A 591 15.08 5.06 6.06
CA GLY A 591 15.45 3.66 5.88
C GLY A 591 16.58 3.21 6.77
N ARG A 592 16.72 3.85 7.93
CA ARG A 592 17.77 3.50 8.89
C ARG A 592 17.23 2.69 10.06
N TYR A 593 15.95 2.85 10.34
CA TYR A 593 15.36 2.23 11.52
C TYR A 593 14.09 1.46 11.20
N VAL A 594 13.85 0.38 11.94
CA VAL A 594 12.64 -0.39 11.80
C VAL A 594 11.92 -0.49 13.14
N ALA A 595 10.68 -0.01 13.18
CA ALA A 595 9.87 -0.10 14.39
C ALA A 595 8.84 -1.22 14.24
N THR A 596 8.75 -2.06 15.27
CA THR A 596 7.72 -3.10 15.32
C THR A 596 6.92 -2.91 16.59
N TRP A 597 5.63 -3.23 16.56
CA TRP A 597 4.80 -3.08 17.74
C TRP A 597 3.62 -4.03 17.82
N ALA A 598 3.23 -4.36 19.06
CA ALA A 598 2.02 -5.13 19.33
C ALA A 598 0.90 -4.17 19.72
N SER A 599 -0.09 -4.02 18.85
CA SER A 599 -1.17 -3.06 19.09
C SER A 599 -2.24 -3.61 20.02
N ALA A 600 -2.84 -2.72 20.82
CA ALA A 600 -3.91 -3.11 21.73
C ALA A 600 -5.19 -3.44 20.98
N TRP A 601 -5.31 -2.91 19.76
CA TRP A 601 -6.47 -3.13 18.91
C TRP A 601 -6.73 -4.60 18.60
N LYS A 602 -5.66 -5.35 18.37
CA LYS A 602 -5.78 -6.77 18.05
C LYS A 602 -5.88 -7.60 19.33
N HIS A 603 -4.94 -7.41 20.24
CA HIS A 603 -4.93 -8.12 21.52
C HIS A 603 -4.28 -7.31 22.64
N THR A 604 -4.64 -7.60 23.88
CA THR A 604 -4.12 -6.86 25.02
C THR A 604 -2.98 -7.54 25.76
N MET A 605 -2.58 -8.73 25.32
CA MET A 605 -1.70 -9.53 26.15
C MET A 605 -0.33 -8.92 26.44
N GLU A 606 0.35 -8.37 25.44
CA GLU A 606 1.63 -7.72 25.70
C GLU A 606 1.99 -6.58 24.76
N ASN A 607 1.27 -5.47 24.85
CA ASN A 607 1.55 -4.35 23.98
C ASN A 607 2.92 -3.78 24.24
N GLY A 608 3.66 -3.56 23.16
CA GLY A 608 5.01 -3.03 23.23
C GLY A 608 5.45 -2.53 21.88
N TYR A 609 6.56 -1.79 21.84
CA TYR A 609 7.19 -1.44 20.59
C TYR A 609 8.68 -1.79 20.62
N HIS A 610 9.21 -2.32 19.53
CA HIS A 610 10.65 -2.54 19.40
C HIS A 610 11.21 -1.54 18.40
N LEU A 611 12.41 -1.04 18.67
CA LEU A 611 13.09 -0.19 17.70
C LEU A 611 14.38 -0.85 17.21
N TYR A 612 14.41 -1.17 15.92
CA TYR A 612 15.58 -1.79 15.31
C TYR A 612 16.28 -0.81 14.38
N ASP A 613 17.50 -1.13 14.00
CA ASP A 613 18.15 -0.49 12.86
C ASP A 613 17.97 -1.39 11.64
N PHE A 614 18.48 -0.97 10.50
CA PHE A 614 18.29 -1.70 9.26
C PHE A 614 18.92 -3.08 9.36
N LYS A 615 20.05 -3.17 10.03
CA LYS A 615 20.75 -4.43 10.24
C LYS A 615 19.95 -5.44 11.07
N GLY A 616 19.02 -4.97 11.89
CA GLY A 616 18.29 -5.87 12.77
C GLY A 616 18.79 -5.92 14.20
N GLU A 617 19.66 -4.98 14.54
CA GLU A 617 20.14 -4.87 15.92
C GLU A 617 19.05 -4.19 16.75
N LEU A 618 18.66 -4.84 17.84
CA LEU A 618 17.62 -4.27 18.71
C LEU A 618 18.19 -3.09 19.48
N LEU A 619 17.80 -1.88 19.07
CA LEU A 619 18.24 -0.66 19.72
C LEU A 619 17.59 -0.54 21.10
N ARG A 620 16.26 -0.57 21.12
CA ARG A 620 15.54 -0.47 22.38
C ARG A 620 14.16 -1.12 22.25
N GLU A 621 13.57 -1.45 23.39
CA GLU A 621 12.19 -1.88 23.43
C GLU A 621 11.54 -1.24 24.64
N GLU A 622 10.21 -1.31 24.70
CA GLU A 622 9.49 -0.62 25.74
C GLU A 622 8.10 -1.21 25.86
N HIS A 623 7.62 -1.33 27.09
CA HIS A 623 6.31 -1.87 27.35
C HIS A 623 5.32 -0.78 27.71
N ILE A 624 4.26 -0.67 26.91
CA ILE A 624 3.17 0.24 27.21
C ILE A 624 1.89 -0.57 27.43
N GLU A 625 1.18 -0.30 28.52
CA GLU A 625 0.02 -1.09 28.93
C GLU A 625 -1.08 -1.18 27.86
N LYS A 626 -1.35 -0.07 27.19
CA LYS A 626 -2.33 -0.07 26.11
C LYS A 626 -1.83 0.63 24.86
N PHE A 627 -0.80 0.07 24.25
CA PHE A 627 -0.21 0.62 23.04
C PHE A 627 -1.12 0.38 21.84
N LYS A 628 -1.65 1.46 21.27
CA LYS A 628 -2.56 1.36 20.13
C LYS A 628 -1.82 1.36 18.80
N GLN A 629 -0.91 2.32 18.62
CA GLN A 629 -0.18 2.42 17.35
C GLN A 629 1.09 3.27 17.40
N TRP A 630 2.08 2.84 16.62
CA TRP A 630 3.27 3.62 16.34
C TRP A 630 3.13 4.07 14.88
N GLN A 631 3.60 5.27 14.56
CA GLN A 631 3.62 5.71 13.17
C GLN A 631 4.64 6.82 12.92
N TRP A 632 5.65 6.51 12.11
CA TRP A 632 6.68 7.48 11.74
C TRP A 632 6.05 8.68 11.03
N ARG A 633 6.66 9.85 11.20
CA ARG A 633 6.23 11.03 10.47
C ARG A 633 6.93 11.07 9.13
N PRO A 634 6.17 10.94 8.04
CA PRO A 634 6.71 10.95 6.67
C PRO A 634 7.56 12.18 6.40
N ARG A 635 8.67 12.01 5.68
CA ARG A 635 9.51 13.12 5.28
C ARG A 635 9.83 13.05 3.80
N PRO A 636 9.31 14.01 3.02
CA PRO A 636 9.63 14.06 1.59
C PRO A 636 11.07 14.51 1.38
N PRO A 637 11.80 13.84 0.48
CA PRO A 637 13.18 14.24 0.13
C PRO A 637 13.23 15.69 -0.32
N THR A 638 14.24 16.42 0.13
CA THR A 638 14.35 17.84 -0.19
C THR A 638 14.93 18.06 -1.58
CL CL B . 17.04 17.38 15.12
CL CL C . 14.73 11.09 3.06
CL CL D . -1.04 -10.79 -4.40
CL CL E . 2.92 -7.59 1.72
#